data_1SIS
#
_entry.id   1SIS
#
_cell.length_a   1.000
_cell.length_b   1.000
_cell.length_c   1.000
_cell.angle_alpha   90.00
_cell.angle_beta   90.00
_cell.angle_gamma   90.00
#
_symmetry.space_group_name_H-M   'P 1'
#
_entity_poly.entity_id   1
_entity_poly.type   'polypeptide(L)'
_entity_poly.pdbx_seq_one_letter_code
;MCMPCFTTDPNMAKKCRDCCGGNGKCFGPQCLCNR(NH2)
;
_entity_poly.pdbx_strand_id   A
#
# COMPACT_ATOMS: atom_id res chain seq x y z
N MET A 1 3.76 -6.94 7.06
CA MET A 1 3.24 -5.94 6.12
C MET A 1 3.13 -4.56 6.78
N CYS A 2 2.81 -3.55 5.98
CA CYS A 2 2.45 -2.22 6.51
C CYS A 2 0.95 -2.25 6.82
N MET A 3 0.17 -2.74 5.86
CA MET A 3 -1.30 -2.89 5.98
C MET A 3 -1.80 -3.76 4.80
N PRO A 4 -3.10 -3.84 4.47
CA PRO A 4 -3.54 -4.55 3.26
C PRO A 4 -3.51 -3.69 1.99
N CYS A 5 -3.51 -4.35 0.83
CA CYS A 5 -3.61 -3.68 -0.48
C CYS A 5 -4.81 -4.24 -1.25
N PHE A 6 -5.59 -3.37 -1.87
CA PHE A 6 -6.74 -3.79 -2.70
C PHE A 6 -6.70 -3.06 -4.04
N THR A 7 -6.37 -3.80 -5.11
CA THR A 7 -6.34 -3.25 -6.49
C THR A 7 -7.74 -2.99 -7.09
N THR A 8 -8.66 -2.49 -6.25
CA THR A 8 -10.02 -2.11 -6.66
C THR A 8 -10.10 -0.59 -6.89
N ASP A 9 -9.59 0.17 -5.92
CA ASP A 9 -9.72 1.64 -5.90
C ASP A 9 -8.46 2.30 -6.51
N PRO A 10 -8.60 3.29 -7.41
CA PRO A 10 -7.47 4.10 -7.90
C PRO A 10 -6.70 4.80 -6.78
N ASN A 11 -7.35 5.03 -5.65
CA ASN A 11 -6.76 5.77 -4.52
C ASN A 11 -6.41 4.81 -3.37
N MET A 12 -6.75 3.51 -3.47
CA MET A 12 -6.17 2.53 -2.52
C MET A 12 -4.65 2.54 -2.66
N ALA A 13 -4.13 2.45 -3.88
CA ALA A 13 -2.66 2.37 -4.09
C ALA A 13 -1.93 3.54 -3.42
N LYS A 14 -2.57 4.71 -3.48
CA LYS A 14 -2.13 5.92 -2.76
C LYS A 14 -2.19 5.72 -1.24
N LYS A 15 -3.28 5.13 -0.74
CA LYS A 15 -3.43 4.75 0.69
C LYS A 15 -2.38 3.74 1.18
N CYS A 16 -2.03 2.73 0.37
CA CYS A 16 -0.89 1.84 0.67
C CYS A 16 0.44 2.63 0.73
N ARG A 17 0.61 3.65 -0.10
CA ARG A 17 1.76 4.55 0.07
C ARG A 17 1.73 5.27 1.43
N ASP A 18 0.60 5.87 1.76
CA ASP A 18 0.43 6.62 3.03
C ASP A 18 0.66 5.75 4.28
N CYS A 19 0.30 4.46 4.23
CA CYS A 19 0.63 3.53 5.33
C CYS A 19 2.12 3.56 5.67
N CYS A 20 2.97 3.44 4.64
CA CYS A 20 4.43 3.50 4.83
C CYS A 20 4.95 4.95 4.99
N GLY A 21 4.10 5.88 5.44
CA GLY A 21 4.53 7.26 5.70
C GLY A 21 4.81 7.98 4.38
N GLY A 22 4.01 7.67 3.34
CA GLY A 22 4.22 8.27 2.01
C GLY A 22 4.82 7.28 1.00
N ASN A 23 5.69 6.36 1.44
CA ASN A 23 6.54 5.60 0.49
C ASN A 23 6.41 4.08 0.62
N GLY A 24 5.20 3.54 0.42
CA GLY A 24 5.00 2.08 0.43
C GLY A 24 5.15 1.41 -0.96
N LYS A 25 4.92 0.10 -0.98
CA LYS A 25 5.01 -0.76 -2.17
C LYS A 25 3.98 -1.90 -2.11
N CYS A 26 2.96 -1.86 -2.98
CA CYS A 26 1.88 -2.86 -2.93
C CYS A 26 2.25 -4.12 -3.69
N PHE A 27 2.11 -5.25 -3.01
CA PHE A 27 2.54 -6.57 -3.47
C PHE A 27 1.37 -7.55 -3.40
N GLY A 28 0.45 -7.41 -4.36
CA GLY A 28 -0.76 -8.23 -4.41
C GLY A 28 -1.75 -7.84 -3.30
N PRO A 29 -2.33 -8.80 -2.59
CA PRO A 29 -3.33 -8.53 -1.54
C PRO A 29 -2.75 -7.80 -0.32
N GLN A 30 -1.43 -7.67 -0.24
CA GLN A 30 -0.81 -6.96 0.90
C GLN A 30 -0.15 -5.66 0.48
N CYS A 31 -0.18 -4.67 1.36
CA CYS A 31 0.64 -3.46 1.22
C CYS A 31 1.88 -3.64 2.11
N LEU A 32 3.09 -3.57 1.55
CA LEU A 32 4.31 -3.63 2.39
C LEU A 32 5.01 -2.27 2.34
N CYS A 33 5.84 -1.95 3.33
CA CYS A 33 6.54 -0.66 3.37
C CYS A 33 7.93 -0.76 2.71
N ASN A 34 8.58 0.37 2.44
CA ASN A 34 10.01 0.37 2.06
C ASN A 34 10.89 0.27 3.32
N ARG A 35 10.66 -0.80 4.08
CA ARG A 35 11.39 -1.07 5.33
C ARG A 35 11.08 -2.51 5.82
N MET A 1 4.29 -6.84 7.25
CA MET A 1 3.60 -5.94 6.31
C MET A 1 3.05 -4.70 7.02
N CYS A 2 2.65 -3.68 6.25
CA CYS A 2 2.14 -2.42 6.82
C CYS A 2 0.64 -2.56 7.09
N MET A 3 -0.09 -3.02 6.07
CA MET A 3 -1.55 -3.25 6.16
C MET A 3 -1.99 -4.07 4.92
N PRO A 4 -3.27 -4.21 4.56
CA PRO A 4 -3.64 -4.90 3.31
C PRO A 4 -3.63 -3.98 2.08
N CYS A 5 -3.59 -4.59 0.89
CA CYS A 5 -3.70 -3.86 -0.38
C CYS A 5 -4.96 -4.32 -1.12
N PHE A 6 -5.68 -3.37 -1.69
CA PHE A 6 -6.95 -3.64 -2.39
C PHE A 6 -6.95 -2.97 -3.75
N THR A 7 -6.56 -3.72 -4.78
CA THR A 7 -6.53 -3.24 -6.18
C THR A 7 -7.93 -3.08 -6.80
N THR A 8 -8.89 -2.62 -6.00
CA THR A 8 -10.24 -2.26 -6.45
C THR A 8 -10.31 -0.75 -6.70
N ASP A 9 -9.69 0.02 -5.79
CA ASP A 9 -9.74 1.49 -5.84
C ASP A 9 -8.53 2.07 -6.59
N PRO A 10 -8.73 2.91 -7.61
CA PRO A 10 -7.64 3.57 -8.37
C PRO A 10 -6.77 4.50 -7.51
N ASN A 11 -7.20 4.77 -6.27
CA ASN A 11 -6.47 5.63 -5.34
C ASN A 11 -5.85 4.81 -4.20
N MET A 12 -6.20 3.52 -4.06
CA MET A 12 -5.63 2.69 -2.98
C MET A 12 -4.10 2.67 -3.05
N ALA A 13 -3.51 2.75 -4.25
CA ALA A 13 -2.03 2.78 -4.36
C ALA A 13 -1.44 3.93 -3.53
N LYS A 14 -2.13 5.07 -3.50
CA LYS A 14 -1.75 6.22 -2.66
C LYS A 14 -1.99 5.91 -1.17
N LYS A 15 -3.10 5.24 -0.86
CA LYS A 15 -3.43 4.84 0.52
C LYS A 15 -2.36 3.91 1.12
N CYS A 16 -1.94 2.88 0.39
CA CYS A 16 -0.82 2.00 0.81
C CYS A 16 0.49 2.80 0.93
N ARG A 17 0.69 3.80 0.06
CA ARG A 17 1.85 4.69 0.18
C ARG A 17 1.87 5.34 1.58
N ASP A 18 0.76 5.97 1.95
CA ASP A 18 0.60 6.63 3.26
C ASP A 18 0.76 5.65 4.43
N CYS A 19 0.32 4.40 4.27
CA CYS A 19 0.56 3.38 5.31
C CYS A 19 2.05 3.30 5.64
N CYS A 20 2.92 3.23 4.62
CA CYS A 20 4.38 3.28 4.84
C CYS A 20 4.88 4.72 5.12
N GLY A 21 4.09 5.57 5.77
CA GLY A 21 4.52 6.93 6.10
C GLY A 21 4.65 7.80 4.84
N GLY A 22 4.02 7.36 3.74
CA GLY A 22 4.12 8.07 2.45
C GLY A 22 5.08 7.40 1.47
N ASN A 23 5.80 6.34 1.85
CA ASN A 23 6.77 5.69 0.93
C ASN A 23 6.55 4.17 0.85
N GLY A 24 5.38 3.72 0.38
CA GLY A 24 5.06 2.27 0.32
C GLY A 24 4.75 1.76 -1.10
N LYS A 25 4.46 0.46 -1.19
CA LYS A 25 4.08 -0.19 -2.46
C LYS A 25 3.11 -1.35 -2.23
N CYS A 26 2.27 -1.67 -3.23
CA CYS A 26 1.39 -2.86 -3.12
C CYS A 26 2.06 -4.11 -3.69
N PHE A 27 1.90 -5.22 -2.97
CA PHE A 27 2.36 -6.55 -3.41
C PHE A 27 1.16 -7.50 -3.39
N GLY A 28 0.25 -7.31 -4.33
CA GLY A 28 -0.96 -8.16 -4.44
C GLY A 28 -1.93 -7.94 -3.27
N PRO A 29 -2.19 -8.96 -2.45
CA PRO A 29 -3.10 -8.84 -1.30
C PRO A 29 -2.55 -7.96 -0.17
N GLN A 30 -1.24 -7.67 -0.18
CA GLN A 30 -0.62 -6.94 0.93
C GLN A 30 -0.13 -5.53 0.57
N CYS A 31 -0.17 -4.63 1.55
CA CYS A 31 0.52 -3.34 1.47
C CYS A 31 1.85 -3.45 2.22
N LEU A 32 2.95 -3.11 1.56
CA LEU A 32 4.29 -3.14 2.15
C LEU A 32 4.95 -1.76 2.04
N CYS A 33 6.18 -1.63 2.54
CA CYS A 33 7.00 -0.42 2.32
C CYS A 33 7.85 -0.53 1.04
N ASN A 34 8.56 0.55 0.70
CA ASN A 34 9.54 0.51 -0.40
C ASN A 34 10.90 -0.07 0.03
N ARG A 35 11.02 -0.50 1.28
CA ARG A 35 12.32 -0.90 1.86
C ARG A 35 12.15 -1.71 3.16
N MET A 1 4.29 -6.84 7.25
CA MET A 1 3.60 -5.94 6.31
C MET A 1 3.05 -4.70 7.02
N CYS A 2 2.65 -3.68 6.25
CA CYS A 2 2.14 -2.42 6.82
C CYS A 2 0.64 -2.56 7.09
N MET A 3 -0.09 -3.02 6.07
CA MET A 3 -1.55 -3.25 6.16
C MET A 3 -1.99 -4.07 4.92
N PRO A 4 -3.27 -4.21 4.56
CA PRO A 4 -3.64 -4.90 3.31
C PRO A 4 -3.63 -3.98 2.08
N CYS A 5 -3.59 -4.59 0.89
CA CYS A 5 -3.70 -3.86 -0.38
C CYS A 5 -4.96 -4.32 -1.12
N PHE A 6 -5.68 -3.37 -1.69
CA PHE A 6 -6.95 -3.64 -2.39
C PHE A 6 -6.95 -2.97 -3.75
N THR A 7 -6.56 -3.72 -4.78
CA THR A 7 -6.53 -3.24 -6.18
C THR A 7 -7.93 -3.08 -6.80
N THR A 8 -8.89 -2.62 -6.00
CA THR A 8 -10.24 -2.26 -6.45
C THR A 8 -10.31 -0.75 -6.70
N ASP A 9 -9.69 0.02 -5.79
CA ASP A 9 -9.74 1.49 -5.84
C ASP A 9 -8.53 2.07 -6.59
N PRO A 10 -8.73 2.91 -7.61
CA PRO A 10 -7.64 3.57 -8.37
C PRO A 10 -6.77 4.50 -7.51
N ASN A 11 -7.20 4.77 -6.27
CA ASN A 11 -6.47 5.63 -5.34
C ASN A 11 -5.85 4.81 -4.20
N MET A 12 -6.20 3.52 -4.06
CA MET A 12 -5.63 2.69 -2.98
C MET A 12 -4.10 2.67 -3.05
N ALA A 13 -3.51 2.75 -4.25
CA ALA A 13 -2.03 2.78 -4.36
C ALA A 13 -1.44 3.93 -3.53
N LYS A 14 -2.13 5.07 -3.50
CA LYS A 14 -1.75 6.22 -2.66
C LYS A 14 -1.99 5.91 -1.17
N LYS A 15 -3.10 5.24 -0.86
CA LYS A 15 -3.43 4.84 0.52
C LYS A 15 -2.36 3.91 1.12
N CYS A 16 -1.94 2.88 0.39
CA CYS A 16 -0.82 2.00 0.81
C CYS A 16 0.49 2.80 0.93
N ARG A 17 0.69 3.80 0.06
CA ARG A 17 1.85 4.69 0.18
C ARG A 17 1.87 5.34 1.58
N ASP A 18 0.76 5.97 1.95
CA ASP A 18 0.60 6.63 3.26
C ASP A 18 0.76 5.65 4.43
N CYS A 19 0.32 4.40 4.27
CA CYS A 19 0.56 3.38 5.31
C CYS A 19 2.05 3.30 5.64
N CYS A 20 2.92 3.23 4.62
CA CYS A 20 4.38 3.28 4.84
C CYS A 20 4.88 4.72 5.12
N GLY A 21 4.09 5.57 5.77
CA GLY A 21 4.52 6.93 6.10
C GLY A 21 4.65 7.80 4.84
N GLY A 22 4.02 7.36 3.74
CA GLY A 22 4.12 8.07 2.45
C GLY A 22 5.08 7.40 1.47
N ASN A 23 5.80 6.34 1.85
CA ASN A 23 6.77 5.69 0.93
C ASN A 23 6.55 4.17 0.85
N GLY A 24 5.38 3.72 0.38
CA GLY A 24 5.06 2.27 0.32
C GLY A 24 4.75 1.76 -1.10
N LYS A 25 4.46 0.46 -1.19
CA LYS A 25 4.08 -0.19 -2.46
C LYS A 25 3.11 -1.35 -2.23
N CYS A 26 2.27 -1.67 -3.23
CA CYS A 26 1.39 -2.86 -3.12
C CYS A 26 2.06 -4.11 -3.69
N PHE A 27 1.90 -5.22 -2.97
CA PHE A 27 2.36 -6.55 -3.41
C PHE A 27 1.16 -7.50 -3.39
N GLY A 28 0.25 -7.31 -4.33
CA GLY A 28 -0.96 -8.16 -4.44
C GLY A 28 -1.93 -7.94 -3.27
N PRO A 29 -2.19 -8.96 -2.45
CA PRO A 29 -3.10 -8.84 -1.30
C PRO A 29 -2.55 -7.96 -0.17
N GLN A 30 -1.24 -7.67 -0.18
CA GLN A 30 -0.62 -6.94 0.93
C GLN A 30 -0.13 -5.53 0.57
N CYS A 31 -0.17 -4.63 1.55
CA CYS A 31 0.52 -3.34 1.47
C CYS A 31 1.85 -3.45 2.22
N LEU A 32 2.95 -3.11 1.56
CA LEU A 32 4.29 -3.14 2.15
C LEU A 32 4.95 -1.76 2.04
N CYS A 33 6.18 -1.63 2.54
CA CYS A 33 7.00 -0.42 2.32
C CYS A 33 7.85 -0.53 1.04
N ASN A 34 8.56 0.55 0.70
CA ASN A 34 9.54 0.51 -0.40
C ASN A 34 10.90 -0.07 0.03
N ARG A 35 11.02 -0.50 1.28
CA ARG A 35 12.32 -0.90 1.86
C ARG A 35 12.15 -1.71 3.16
N MET A 1 2.95 -7.05 7.45
CA MET A 1 2.78 -5.98 6.45
C MET A 1 2.54 -4.62 7.13
N CYS A 2 2.33 -3.57 6.33
CA CYS A 2 1.92 -2.26 6.87
C CYS A 2 0.39 -2.32 7.07
N MET A 3 -0.28 -2.87 6.05
CA MET A 3 -1.72 -3.19 6.07
C MET A 3 -2.03 -4.08 4.84
N PRO A 4 -3.26 -4.53 4.56
CA PRO A 4 -3.53 -5.21 3.29
C PRO A 4 -3.65 -4.25 2.10
N CYS A 5 -3.54 -4.78 0.90
CA CYS A 5 -3.67 -3.98 -0.34
C CYS A 5 -4.82 -4.51 -1.19
N PHE A 6 -5.62 -3.58 -1.74
CA PHE A 6 -6.72 -3.91 -2.66
C PHE A 6 -6.62 -2.99 -3.88
N THR A 7 -5.91 -3.44 -4.91
CA THR A 7 -5.73 -2.69 -6.16
C THR A 7 -6.98 -2.66 -7.06
N THR A 8 -8.15 -2.48 -6.42
CA THR A 8 -9.42 -2.25 -7.10
C THR A 8 -9.70 -0.73 -7.14
N ASP A 9 -9.36 -0.06 -6.04
CA ASP A 9 -9.62 1.38 -5.89
C ASP A 9 -8.43 2.20 -6.37
N PRO A 10 -8.61 3.10 -7.35
CA PRO A 10 -7.52 3.96 -7.86
C PRO A 10 -6.97 4.94 -6.82
N ASN A 11 -7.56 4.95 -5.62
CA ASN A 11 -7.07 5.78 -4.50
C ASN A 11 -6.47 4.88 -3.41
N MET A 12 -6.81 3.58 -3.34
CA MET A 12 -6.17 2.69 -2.35
C MET A 12 -4.66 2.69 -2.57
N ALA A 13 -4.20 2.68 -3.82
CA ALA A 13 -2.74 2.72 -4.10
C ALA A 13 -2.08 3.90 -3.37
N LYS A 14 -2.81 5.02 -3.25
CA LYS A 14 -2.34 6.19 -2.49
C LYS A 14 -2.30 5.85 -0.99
N LYS A 15 -3.36 5.21 -0.48
CA LYS A 15 -3.44 4.79 0.94
C LYS A 15 -2.27 3.86 1.32
N CYS A 16 -1.97 2.87 0.49
CA CYS A 16 -0.79 2.00 0.73
C CYS A 16 0.51 2.80 0.75
N ARG A 17 0.65 3.79 -0.13
CA ARG A 17 1.80 4.70 -0.06
C ARG A 17 1.89 5.40 1.30
N ASP A 18 0.80 6.04 1.73
CA ASP A 18 0.76 6.77 3.02
C ASP A 18 1.03 5.88 4.23
N CYS A 19 0.59 4.62 4.21
CA CYS A 19 0.88 3.67 5.31
C CYS A 19 2.39 3.57 5.56
N CYS A 20 3.18 3.47 4.49
CA CYS A 20 4.66 3.46 4.60
C CYS A 20 5.25 4.86 4.81
N GLY A 21 4.48 5.82 5.31
CA GLY A 21 5.00 7.17 5.54
C GLY A 21 5.23 7.86 4.20
N GLY A 22 4.29 7.69 3.26
CA GLY A 22 4.41 8.29 1.92
C GLY A 22 4.77 7.29 0.82
N ASN A 23 5.72 6.36 1.04
CA ASN A 23 6.35 5.66 -0.10
C ASN A 23 6.30 4.12 -0.04
N GLY A 24 5.13 3.55 0.28
CA GLY A 24 4.99 2.07 0.30
C GLY A 24 5.09 1.41 -1.08
N LYS A 25 4.80 0.11 -1.11
CA LYS A 25 4.71 -0.67 -2.35
C LYS A 25 3.64 -1.76 -2.18
N CYS A 26 2.65 -1.80 -3.06
CA CYS A 26 1.64 -2.87 -3.01
C CYS A 26 2.12 -4.11 -3.76
N PHE A 27 2.06 -5.24 -3.07
CA PHE A 27 2.48 -6.54 -3.63
C PHE A 27 1.29 -7.51 -3.56
N GLY A 28 0.34 -7.26 -4.44
CA GLY A 28 -0.87 -8.10 -4.55
C GLY A 28 -1.80 -7.91 -3.34
N PRO A 29 -2.12 -8.98 -2.60
CA PRO A 29 -3.05 -8.91 -1.47
C PRO A 29 -2.52 -8.09 -0.29
N GLN A 30 -1.21 -7.81 -0.27
CA GLN A 30 -0.61 -7.08 0.86
C GLN A 30 -0.07 -5.70 0.48
N CYS A 31 -0.21 -4.72 1.37
CA CYS A 31 0.50 -3.44 1.26
C CYS A 31 1.73 -3.49 2.18
N LEU A 32 2.93 -3.35 1.63
CA LEU A 32 4.16 -3.44 2.44
C LEU A 32 4.89 -2.10 2.41
N CYS A 33 5.57 -1.75 3.50
CA CYS A 33 6.46 -0.57 3.49
C CYS A 33 7.89 -1.00 3.14
N ASN A 34 8.76 -0.06 2.73
CA ASN A 34 10.16 -0.38 2.39
C ASN A 34 11.06 -0.32 3.64
N ARG A 35 10.64 -1.03 4.67
CA ARG A 35 11.33 -1.03 5.98
C ARG A 35 12.61 -1.88 5.85
N MET A 1 3.32 -6.12 7.96
CA MET A 1 2.89 -5.32 6.81
C MET A 1 2.25 -3.99 7.26
N CYS A 2 2.06 -3.07 6.33
CA CYS A 2 1.51 -1.73 6.64
C CYS A 2 -0.03 -1.79 6.60
N MET A 3 -0.55 -2.48 5.60
CA MET A 3 -2.00 -2.73 5.44
C MET A 3 -2.21 -3.85 4.40
N PRO A 4 -3.44 -4.22 4.03
CA PRO A 4 -3.67 -4.98 2.79
C PRO A 4 -3.62 -4.07 1.55
N CYS A 5 -3.47 -4.67 0.37
CA CYS A 5 -3.53 -3.92 -0.90
C CYS A 5 -4.67 -4.45 -1.75
N PHE A 6 -5.54 -3.55 -2.20
CA PHE A 6 -6.66 -3.88 -3.08
C PHE A 6 -6.67 -2.92 -4.28
N THR A 7 -6.04 -3.35 -5.37
CA THR A 7 -5.93 -2.56 -6.62
C THR A 7 -7.26 -2.45 -7.40
N THR A 8 -8.36 -2.38 -6.66
CA THR A 8 -9.69 -2.06 -7.19
C THR A 8 -9.95 -0.56 -6.99
N ASP A 9 -9.53 -0.02 -5.84
CA ASP A 9 -9.72 1.40 -5.53
C ASP A 9 -8.50 2.20 -5.99
N PRO A 10 -8.66 3.14 -6.92
CA PRO A 10 -7.55 3.99 -7.40
C PRO A 10 -6.97 4.90 -6.31
N ASN A 11 -7.58 4.88 -5.13
CA ASN A 11 -7.12 5.66 -3.98
C ASN A 11 -6.57 4.73 -2.89
N MET A 12 -6.90 3.43 -2.91
CA MET A 12 -6.21 2.47 -2.02
C MET A 12 -4.71 2.52 -2.32
N ALA A 13 -4.35 2.64 -3.60
CA ALA A 13 -2.93 2.78 -3.97
C ALA A 13 -2.29 3.92 -3.16
N LYS A 14 -3.02 5.02 -2.98
CA LYS A 14 -2.56 6.13 -2.12
C LYS A 14 -2.48 5.66 -0.66
N LYS A 15 -3.50 4.96 -0.16
CA LYS A 15 -3.51 4.47 1.23
C LYS A 15 -2.31 3.58 1.56
N CYS A 16 -1.99 2.60 0.71
CA CYS A 16 -0.79 1.76 0.92
C CYS A 16 0.49 2.60 0.92
N ARG A 17 0.62 3.54 -0.03
CA ARG A 17 1.82 4.39 -0.11
C ARG A 17 1.99 5.21 1.18
N ASP A 18 0.99 6.03 1.51
CA ASP A 18 1.01 6.95 2.65
C ASP A 18 1.10 6.25 4.00
N CYS A 19 0.55 5.02 4.11
CA CYS A 19 0.73 4.20 5.33
C CYS A 19 2.21 4.04 5.66
N CYS A 20 3.02 3.74 4.63
CA CYS A 20 4.49 3.69 4.76
C CYS A 20 5.12 5.09 4.76
N GLY A 21 4.41 6.09 5.29
CA GLY A 21 4.93 7.47 5.31
C GLY A 21 4.98 8.08 3.90
N GLY A 22 4.32 7.46 2.92
CA GLY A 22 4.37 7.92 1.53
C GLY A 22 5.19 7.00 0.61
N ASN A 23 5.90 6.00 1.14
CA ASN A 23 6.74 5.13 0.27
C ASN A 23 6.48 3.62 0.45
N GLY A 24 5.20 3.20 0.54
CA GLY A 24 4.88 1.76 0.61
C GLY A 24 5.02 1.06 -0.76
N LYS A 25 4.63 -0.21 -0.82
CA LYS A 25 4.73 -1.02 -2.06
C LYS A 25 3.59 -2.04 -2.12
N CYS A 26 2.74 -1.96 -3.15
CA CYS A 26 1.62 -2.92 -3.29
C CYS A 26 2.11 -4.21 -3.96
N PHE A 27 2.13 -5.29 -3.17
CA PHE A 27 2.62 -6.60 -3.61
C PHE A 27 1.46 -7.61 -3.54
N GLY A 28 0.56 -7.53 -4.51
CA GLY A 28 -0.62 -8.40 -4.55
C GLY A 28 -1.61 -8.07 -3.44
N PRO A 29 -2.02 -9.03 -2.61
CA PRO A 29 -2.99 -8.80 -1.53
C PRO A 29 -2.41 -8.00 -0.35
N GLN A 30 -1.09 -7.79 -0.32
CA GLN A 30 -0.47 -7.09 0.83
C GLN A 30 0.17 -5.73 0.46
N CYS A 31 0.11 -4.77 1.39
CA CYS A 31 0.91 -3.55 1.30
C CYS A 31 2.15 -3.70 2.20
N LEU A 32 3.36 -3.61 1.61
CA LEU A 32 4.60 -3.72 2.39
C LEU A 32 5.36 -2.40 2.34
N CYS A 33 5.80 -1.92 3.51
CA CYS A 33 6.57 -0.67 3.61
C CYS A 33 8.07 -0.92 3.47
N ASN A 34 8.85 0.08 3.02
CA ASN A 34 10.32 -0.04 2.97
C ASN A 34 10.97 0.37 4.30
N ARG A 35 10.63 -0.39 5.34
CA ARG A 35 11.25 -0.21 6.67
C ARG A 35 12.74 -0.65 6.69
N MET A 1 2.88 -6.83 7.25
CA MET A 1 2.50 -5.78 6.30
C MET A 1 2.11 -4.49 7.05
N CYS A 2 1.97 -3.39 6.29
CA CYS A 2 1.51 -2.10 6.83
C CYS A 2 -0.03 -2.06 6.81
N MET A 3 -0.59 -2.65 5.74
CA MET A 3 -2.06 -2.81 5.57
C MET A 3 -2.30 -3.85 4.44
N PRO A 4 -3.53 -4.11 3.98
CA PRO A 4 -3.73 -4.85 2.72
C PRO A 4 -3.44 -4.02 1.46
N CYS A 5 -3.31 -4.72 0.33
CA CYS A 5 -3.13 -4.11 -1.00
C CYS A 5 -4.33 -4.50 -1.86
N PHE A 6 -5.25 -3.56 -2.07
CA PHE A 6 -6.52 -3.83 -2.78
C PHE A 6 -6.64 -2.92 -4.01
N THR A 7 -6.11 -3.39 -5.14
CA THR A 7 -6.17 -2.68 -6.44
C THR A 7 -7.59 -2.69 -7.08
N THR A 8 -8.60 -2.46 -6.25
CA THR A 8 -9.99 -2.21 -6.69
C THR A 8 -10.20 -0.70 -6.76
N ASP A 9 -9.68 -0.01 -5.74
CA ASP A 9 -9.82 1.44 -5.59
C ASP A 9 -8.62 2.13 -6.25
N PRO A 10 -8.81 3.07 -7.19
CA PRO A 10 -7.70 3.84 -7.80
C PRO A 10 -7.05 4.82 -6.82
N ASN A 11 -7.47 4.76 -5.54
CA ASN A 11 -6.84 5.51 -4.46
C ASN A 11 -6.22 4.57 -3.39
N MET A 12 -6.49 3.26 -3.42
CA MET A 12 -5.84 2.34 -2.47
C MET A 12 -4.32 2.50 -2.57
N ALA A 13 -3.79 2.70 -3.78
CA ALA A 13 -2.33 2.90 -3.93
C ALA A 13 -1.84 4.03 -3.01
N LYS A 14 -2.62 5.12 -2.89
CA LYS A 14 -2.28 6.22 -1.98
C LYS A 14 -2.44 5.79 -0.51
N LYS A 15 -3.50 5.05 -0.19
CA LYS A 15 -3.71 4.54 1.18
C LYS A 15 -2.54 3.67 1.67
N CYS A 16 -2.12 2.69 0.86
CA CYS A 16 -0.95 1.86 1.15
C CYS A 16 0.34 2.70 1.21
N ARG A 17 0.49 3.65 0.27
CA ARG A 17 1.69 4.49 0.23
C ARG A 17 1.85 5.27 1.54
N ASP A 18 0.82 6.02 1.94
CA ASP A 18 0.83 6.86 3.15
C ASP A 18 0.96 6.05 4.43
N CYS A 19 0.49 4.79 4.43
CA CYS A 19 0.80 3.88 5.54
C CYS A 19 2.33 3.80 5.72
N CYS A 20 3.05 3.62 4.62
CA CYS A 20 4.52 3.68 4.61
C CYS A 20 5.08 5.13 4.58
N GLY A 21 4.34 6.12 5.07
CA GLY A 21 4.87 7.49 5.17
C GLY A 21 4.95 8.18 3.80
N GLY A 22 4.39 7.56 2.76
CA GLY A 22 4.43 8.09 1.39
C GLY A 22 5.42 7.33 0.50
N ASN A 23 6.02 6.23 0.97
CA ASN A 23 6.89 5.40 0.10
C ASN A 23 6.55 3.90 0.13
N GLY A 24 5.27 3.53 0.32
CA GLY A 24 4.91 2.10 0.36
C GLY A 24 4.95 1.41 -1.00
N LYS A 25 4.82 0.09 -0.99
CA LYS A 25 4.96 -0.74 -2.20
C LYS A 25 3.92 -1.87 -2.16
N CYS A 26 2.94 -1.81 -3.06
CA CYS A 26 1.74 -2.65 -3.01
C CYS A 26 2.05 -4.03 -3.63
N PHE A 27 1.99 -5.08 -2.81
CA PHE A 27 2.45 -6.43 -3.17
C PHE A 27 1.26 -7.39 -3.25
N GLY A 28 0.45 -7.23 -4.29
CA GLY A 28 -0.67 -8.15 -4.55
C GLY A 28 -1.78 -8.02 -3.52
N PRO A 29 -1.99 -9.03 -2.65
CA PRO A 29 -2.98 -8.95 -1.56
C PRO A 29 -2.51 -8.10 -0.38
N GLN A 30 -1.20 -7.87 -0.24
CA GLN A 30 -0.66 -7.18 0.96
C GLN A 30 0.09 -5.89 0.62
N CYS A 31 -0.03 -4.85 1.44
CA CYS A 31 0.74 -3.61 1.28
C CYS A 31 2.01 -3.68 2.14
N LEU A 32 3.20 -3.66 1.54
CA LEU A 32 4.45 -3.73 2.33
C LEU A 32 5.27 -2.46 2.13
N CYS A 33 5.78 -1.90 3.24
CA CYS A 33 6.52 -0.63 3.21
C CYS A 33 8.02 -0.86 2.93
N ASN A 34 8.75 0.18 2.52
CA ASN A 34 10.21 0.08 2.37
C ASN A 34 10.94 0.35 3.71
N ARG A 35 10.43 -0.32 4.75
CA ARG A 35 10.85 -0.13 6.15
C ARG A 35 10.42 1.27 6.66
N MET A 1 3.62 -6.57 7.02
CA MET A 1 2.79 -5.66 6.20
C MET A 1 2.07 -4.63 7.09
N CYS A 2 1.70 -3.50 6.49
CA CYS A 2 0.96 -2.43 7.17
C CYS A 2 -0.56 -2.64 7.07
N MET A 3 -1.01 -3.15 5.93
CA MET A 3 -2.45 -3.29 5.62
C MET A 3 -2.66 -4.25 4.45
N PRO A 4 -3.91 -4.53 4.05
CA PRO A 4 -4.18 -5.20 2.78
C PRO A 4 -4.01 -4.26 1.56
N CYS A 5 -3.76 -4.85 0.40
CA CYS A 5 -3.69 -4.12 -0.88
C CYS A 5 -4.78 -4.62 -1.83
N PHE A 6 -5.73 -3.74 -2.16
CA PHE A 6 -6.79 -4.04 -3.13
C PHE A 6 -6.81 -2.96 -4.21
N THR A 7 -6.00 -3.18 -5.25
CA THR A 7 -5.86 -2.25 -6.41
C THR A 7 -7.08 -2.26 -7.35
N THR A 8 -8.27 -2.21 -6.76
CA THR A 8 -9.53 -1.86 -7.46
C THR A 8 -9.77 -0.36 -7.26
N ASP A 9 -9.41 0.12 -6.07
CA ASP A 9 -9.54 1.52 -5.68
C ASP A 9 -8.26 2.27 -6.07
N PRO A 10 -8.32 3.28 -6.96
CA PRO A 10 -7.13 4.04 -7.38
C PRO A 10 -6.48 4.79 -6.22
N ASN A 11 -7.18 4.90 -5.08
CA ASN A 11 -6.65 5.60 -3.90
C ASN A 11 -6.36 4.60 -2.77
N MET A 12 -6.75 3.32 -2.88
CA MET A 12 -6.17 2.31 -1.96
C MET A 12 -4.65 2.28 -2.17
N ALA A 13 -4.21 2.36 -3.42
CA ALA A 13 -2.78 2.45 -3.73
C ALA A 13 -2.15 3.61 -2.94
N LYS A 14 -2.88 4.73 -2.80
CA LYS A 14 -2.46 5.77 -1.84
C LYS A 14 -2.48 5.25 -0.41
N LYS A 15 -3.56 4.64 0.07
CA LYS A 15 -3.67 4.21 1.48
C LYS A 15 -2.47 3.34 1.89
N CYS A 16 -2.08 2.38 1.05
CA CYS A 16 -0.85 1.60 1.28
C CYS A 16 0.41 2.50 1.27
N ARG A 17 0.54 3.38 0.27
CA ARG A 17 1.73 4.25 0.14
C ARG A 17 1.94 5.15 1.37
N ASP A 18 0.86 5.82 1.76
CA ASP A 18 0.78 6.83 2.82
C ASP A 18 1.11 6.26 4.19
N CYS A 19 0.77 4.99 4.45
CA CYS A 19 1.23 4.33 5.69
C CYS A 19 2.76 4.41 5.78
N CYS A 20 3.44 4.10 4.68
CA CYS A 20 4.90 4.21 4.59
C CYS A 20 5.37 5.66 4.31
N GLY A 21 4.62 6.67 4.77
CA GLY A 21 5.04 8.08 4.63
C GLY A 21 4.91 8.58 3.20
N GLY A 22 4.33 7.78 2.31
CA GLY A 22 4.20 8.11 0.87
C GLY A 22 5.18 7.30 0.01
N ASN A 23 5.90 6.32 0.58
CA ASN A 23 6.76 5.43 -0.23
C ASN A 23 6.46 3.95 0.07
N GLY A 24 5.19 3.59 0.27
CA GLY A 24 4.85 2.16 0.33
C GLY A 24 4.91 1.48 -1.03
N LYS A 25 4.70 0.18 -1.01
CA LYS A 25 4.79 -0.70 -2.19
C LYS A 25 3.74 -1.82 -2.03
N CYS A 26 2.74 -1.86 -2.93
CA CYS A 26 1.73 -2.93 -2.86
C CYS A 26 2.19 -4.19 -3.60
N PHE A 27 2.13 -5.33 -2.89
CA PHE A 27 2.55 -6.65 -3.40
C PHE A 27 1.30 -7.54 -3.50
N GLY A 28 0.44 -7.17 -4.45
CA GLY A 28 -0.80 -7.92 -4.70
C GLY A 28 -1.78 -7.77 -3.54
N PRO A 29 -2.07 -8.83 -2.78
CA PRO A 29 -2.96 -8.77 -1.61
C PRO A 29 -2.34 -8.09 -0.39
N GLN A 30 -1.02 -7.87 -0.36
CA GLN A 30 -0.36 -7.33 0.86
C GLN A 30 0.23 -5.92 0.65
N CYS A 31 0.10 -5.02 1.63
CA CYS A 31 0.80 -3.72 1.62
C CYS A 31 2.08 -3.76 2.42
N LEU A 32 3.23 -3.50 1.80
CA LEU A 32 4.52 -3.46 2.51
C LEU A 32 5.13 -2.05 2.39
N CYS A 33 5.95 -1.63 3.35
CA CYS A 33 6.70 -0.35 3.24
C CYS A 33 8.10 -0.60 2.67
N ASN A 34 8.88 0.45 2.38
CA ASN A 34 10.30 0.30 1.98
C ASN A 34 11.22 0.18 3.21
N ARG A 35 10.63 -0.35 4.30
CA ARG A 35 11.25 -0.40 5.65
C ARG A 35 11.95 0.92 6.07
N MET A 1 4.42 -6.68 6.66
CA MET A 1 3.48 -5.81 5.92
C MET A 1 3.12 -4.56 6.74
N CYS A 2 2.69 -3.51 6.07
CA CYS A 2 2.20 -2.28 6.72
C CYS A 2 0.70 -2.44 7.00
N MET A 3 0.00 -2.98 6.00
CA MET A 3 -1.46 -3.22 6.06
C MET A 3 -1.86 -4.11 4.86
N PRO A 4 -3.12 -4.47 4.61
CA PRO A 4 -3.50 -5.16 3.36
C PRO A 4 -3.57 -4.22 2.14
N CYS A 5 -3.55 -4.79 0.93
CA CYS A 5 -3.65 -4.01 -0.31
C CYS A 5 -4.91 -4.41 -1.09
N PHE A 6 -5.58 -3.41 -1.66
CA PHE A 6 -6.86 -3.62 -2.37
C PHE A 6 -6.87 -2.82 -3.68
N THR A 7 -6.27 -3.38 -4.73
CA THR A 7 -6.17 -2.74 -6.06
C THR A 7 -7.52 -2.73 -6.84
N THR A 8 -8.61 -2.41 -6.14
CA THR A 8 -9.91 -2.13 -6.75
C THR A 8 -10.09 -0.62 -6.88
N ASP A 9 -9.60 0.12 -5.89
CA ASP A 9 -9.76 1.59 -5.83
C ASP A 9 -8.56 2.29 -6.50
N PRO A 10 -8.80 3.21 -7.46
CA PRO A 10 -7.73 3.99 -8.11
C PRO A 10 -6.93 4.86 -7.13
N ASN A 11 -7.43 4.99 -5.89
CA ASN A 11 -6.76 5.79 -4.85
C ASN A 11 -6.15 4.88 -3.78
N MET A 12 -6.49 3.58 -3.76
CA MET A 12 -5.85 2.65 -2.81
C MET A 12 -4.33 2.65 -2.93
N ALA A 13 -3.78 2.75 -4.14
CA ALA A 13 -2.31 2.82 -4.32
C ALA A 13 -1.69 3.98 -3.53
N LYS A 14 -2.44 5.08 -3.39
CA LYS A 14 -2.00 6.22 -2.56
C LYS A 14 -2.05 5.80 -1.09
N LYS A 15 -3.17 5.21 -0.66
CA LYS A 15 -3.35 4.78 0.74
C LYS A 15 -2.29 3.77 1.22
N CYS A 16 -1.89 2.81 0.37
CA CYS A 16 -0.79 1.90 0.71
C CYS A 16 0.53 2.66 0.91
N ARG A 17 0.80 3.66 0.06
CA ARG A 17 1.95 4.54 0.29
C ARG A 17 1.85 5.23 1.66
N ASP A 18 0.73 5.89 1.94
CA ASP A 18 0.54 6.64 3.19
C ASP A 18 0.69 5.77 4.45
N CYS A 19 0.31 4.50 4.39
CA CYS A 19 0.61 3.56 5.48
C CYS A 19 2.13 3.55 5.75
N CYS A 20 2.92 3.41 4.68
CA CYS A 20 4.39 3.53 4.77
C CYS A 20 4.90 4.98 4.82
N GLY A 21 4.07 5.94 5.26
CA GLY A 21 4.53 7.33 5.43
C GLY A 21 4.76 8.02 4.08
N GLY A 22 4.03 7.57 3.05
CA GLY A 22 4.19 8.10 1.69
C GLY A 22 4.95 7.13 0.77
N ASN A 23 5.77 6.23 1.32
CA ASN A 23 6.77 5.52 0.50
C ASN A 23 6.54 4.00 0.49
N GLY A 24 5.27 3.59 0.43
CA GLY A 24 4.92 2.16 0.41
C GLY A 24 4.73 1.60 -1.01
N LYS A 25 4.57 0.28 -1.09
CA LYS A 25 4.33 -0.42 -2.37
C LYS A 25 3.38 -1.60 -2.17
N CYS A 26 2.46 -1.81 -3.12
CA CYS A 26 1.55 -2.96 -3.06
C CYS A 26 2.16 -4.20 -3.74
N PHE A 27 2.11 -5.33 -3.04
CA PHE A 27 2.63 -6.61 -3.53
C PHE A 27 1.52 -7.66 -3.44
N GLY A 28 0.62 -7.66 -4.42
CA GLY A 28 -0.55 -8.56 -4.38
C GLY A 28 -1.56 -8.12 -3.30
N PRO A 29 -2.22 -9.04 -2.61
CA PRO A 29 -3.24 -8.71 -1.59
C PRO A 29 -2.64 -8.06 -0.33
N GLN A 30 -1.33 -7.82 -0.29
CA GLN A 30 -0.70 -7.13 0.86
C GLN A 30 -0.11 -5.77 0.46
N CYS A 31 -0.23 -4.80 1.36
CA CYS A 31 0.50 -3.53 1.25
C CYS A 31 1.74 -3.61 2.15
N LEU A 32 2.94 -3.39 1.60
CA LEU A 32 4.17 -3.46 2.40
C LEU A 32 4.87 -2.11 2.40
N CYS A 33 5.51 -1.75 3.52
CA CYS A 33 6.31 -0.51 3.58
C CYS A 33 7.75 -0.80 3.17
N ASN A 34 8.39 0.15 2.49
CA ASN A 34 9.80 0.00 2.10
C ASN A 34 10.72 0.49 3.23
N ARG A 35 10.42 0.02 4.45
CA ARG A 35 11.13 0.45 5.67
C ARG A 35 10.63 -0.35 6.89
N MET A 1 3.51 -6.85 7.27
CA MET A 1 2.87 -5.81 6.46
C MET A 1 2.29 -4.71 7.36
N CYS A 2 1.83 -3.63 6.73
CA CYS A 2 1.04 -2.59 7.42
C CYS A 2 -0.43 -3.01 7.47
N MET A 3 -0.90 -3.49 6.31
CA MET A 3 -2.30 -3.88 6.11
C MET A 3 -2.38 -4.67 4.79
N PRO A 4 -3.55 -4.94 4.17
CA PRO A 4 -3.59 -5.48 2.80
C PRO A 4 -3.62 -4.38 1.72
N CYS A 5 -3.46 -4.81 0.46
CA CYS A 5 -3.68 -3.94 -0.70
C CYS A 5 -4.81 -4.51 -1.57
N PHE A 6 -5.64 -3.62 -2.11
CA PHE A 6 -6.76 -4.01 -2.99
C PHE A 6 -6.79 -3.10 -4.22
N THR A 7 -6.27 -3.61 -5.34
CA THR A 7 -6.22 -2.86 -6.62
C THR A 7 -7.58 -2.72 -7.32
N THR A 8 -8.63 -2.47 -6.54
CA THR A 8 -9.96 -2.13 -7.06
C THR A 8 -10.09 -0.60 -7.09
N ASP A 9 -9.62 0.04 -6.01
CA ASP A 9 -9.67 1.51 -5.87
C ASP A 9 -8.35 2.14 -6.34
N PRO A 10 -8.37 3.09 -7.29
CA PRO A 10 -7.16 3.80 -7.74
C PRO A 10 -6.47 4.58 -6.62
N ASN A 11 -7.17 4.76 -5.50
CA ASN A 11 -6.66 5.53 -4.36
C ASN A 11 -6.27 4.59 -3.22
N MET A 12 -6.57 3.28 -3.30
CA MET A 12 -6.01 2.33 -2.33
C MET A 12 -4.47 2.40 -2.41
N ALA A 13 -3.94 2.47 -3.63
CA ALA A 13 -2.48 2.60 -3.84
C ALA A 13 -1.95 3.80 -3.04
N LYS A 14 -2.72 4.89 -2.97
CA LYS A 14 -2.37 6.03 -2.09
C LYS A 14 -2.43 5.61 -0.61
N LYS A 15 -3.51 4.95 -0.19
CA LYS A 15 -3.66 4.54 1.22
C LYS A 15 -2.50 3.68 1.71
N CYS A 16 -2.10 2.67 0.93
CA CYS A 16 -0.90 1.88 1.28
C CYS A 16 0.36 2.74 1.31
N ARG A 17 0.51 3.68 0.37
CA ARG A 17 1.67 4.58 0.36
C ARG A 17 1.78 5.38 1.67
N ASP A 18 0.69 6.08 2.02
CA ASP A 18 0.64 6.94 3.22
C ASP A 18 0.86 6.16 4.52
N CYS A 19 0.48 4.89 4.59
CA CYS A 19 0.92 4.06 5.74
C CYS A 19 2.45 4.02 5.81
N CYS A 20 3.12 3.80 4.68
CA CYS A 20 4.60 3.86 4.65
C CYS A 20 5.13 5.30 4.70
N GLY A 21 4.25 6.30 4.82
CA GLY A 21 4.68 7.71 4.86
C GLY A 21 5.13 8.22 3.49
N GLY A 22 4.46 7.77 2.42
CA GLY A 22 4.77 8.27 1.07
C GLY A 22 5.56 7.25 0.24
N ASN A 23 6.35 6.38 0.90
CA ASN A 23 7.31 5.54 0.17
C ASN A 23 7.01 4.05 0.37
N GLY A 24 5.76 3.68 0.07
CA GLY A 24 5.30 2.29 0.19
C GLY A 24 5.38 1.52 -1.13
N LYS A 25 4.95 0.27 -1.10
CA LYS A 25 4.70 -0.52 -2.33
C LYS A 25 3.59 -1.55 -2.08
N CYS A 26 2.67 -1.71 -3.03
CA CYS A 26 1.65 -2.78 -2.94
C CYS A 26 2.16 -4.08 -3.58
N PHE A 27 2.01 -5.18 -2.84
CA PHE A 27 2.45 -6.52 -3.29
C PHE A 27 1.21 -7.41 -3.41
N GLY A 28 0.35 -7.06 -4.36
CA GLY A 28 -0.88 -7.81 -4.62
C GLY A 28 -1.88 -7.67 -3.46
N PRO A 29 -2.14 -8.74 -2.70
CA PRO A 29 -3.04 -8.69 -1.54
C PRO A 29 -2.44 -7.98 -0.32
N GLN A 30 -1.14 -7.66 -0.34
CA GLN A 30 -0.48 -7.07 0.85
C GLN A 30 -0.02 -5.62 0.66
N CYS A 31 -0.12 -4.80 1.71
CA CYS A 31 0.49 -3.46 1.75
C CYS A 31 1.82 -3.48 2.50
N LEU A 32 2.93 -3.29 1.79
CA LEU A 32 4.27 -3.23 2.42
C LEU A 32 4.91 -1.86 2.14
N CYS A 33 6.14 -1.65 2.62
CA CYS A 33 6.93 -0.47 2.23
C CYS A 33 7.81 -0.73 0.99
N ASN A 34 8.50 0.31 0.53
CA ASN A 34 9.62 0.15 -0.43
C ASN A 34 10.90 -0.18 0.34
N ARG A 35 11.09 0.47 1.49
CA ARG A 35 12.26 0.25 2.35
C ARG A 35 11.91 0.51 3.83
N MET A 1 3.72 -6.81 6.99
CA MET A 1 3.12 -5.77 6.15
C MET A 1 2.71 -4.54 6.97
N CYS A 2 2.47 -3.44 6.28
CA CYS A 2 2.03 -2.17 6.90
C CYS A 2 0.50 -2.19 7.04
N MET A 3 -0.18 -2.71 6.01
CA MET A 3 -1.64 -2.86 6.00
C MET A 3 -2.03 -3.84 4.87
N PRO A 4 -3.30 -4.02 4.49
CA PRO A 4 -3.66 -4.83 3.31
C PRO A 4 -3.74 -4.00 2.02
N CYS A 5 -3.70 -4.69 0.87
CA CYS A 5 -3.85 -4.02 -0.43
C CYS A 5 -5.04 -4.56 -1.25
N PHE A 6 -5.83 -3.64 -1.79
CA PHE A 6 -6.92 -3.97 -2.73
C PHE A 6 -6.82 -3.05 -3.94
N THR A 7 -6.10 -3.50 -4.98
CA THR A 7 -5.90 -2.74 -6.24
C THR A 7 -7.17 -2.69 -7.14
N THR A 8 -8.31 -2.43 -6.52
CA THR A 8 -9.57 -2.14 -7.22
C THR A 8 -9.76 -0.63 -7.31
N ASP A 9 -9.41 0.07 -6.23
CA ASP A 9 -9.61 1.54 -6.14
C ASP A 9 -8.35 2.24 -6.66
N PRO A 10 -8.45 3.20 -7.59
CA PRO A 10 -7.29 3.95 -8.12
C PRO A 10 -6.57 4.79 -7.07
N ASN A 11 -7.13 4.88 -5.85
CA ASN A 11 -6.54 5.65 -4.75
C ASN A 11 -6.08 4.72 -3.61
N MET A 12 -6.49 3.44 -3.59
CA MET A 12 -5.99 2.52 -2.56
C MET A 12 -4.46 2.47 -2.61
N ALA A 13 -3.89 2.42 -3.82
CA ALA A 13 -2.42 2.41 -3.99
C ALA A 13 -1.79 3.60 -3.23
N LYS A 14 -2.48 4.75 -3.22
CA LYS A 14 -2.04 5.93 -2.48
C LYS A 14 -2.13 5.67 -0.97
N LYS A 15 -3.22 5.05 -0.52
CA LYS A 15 -3.39 4.68 0.91
C LYS A 15 -2.29 3.71 1.40
N CYS A 16 -1.95 2.68 0.62
CA CYS A 16 -0.82 1.81 0.97
C CYS A 16 0.50 2.59 1.05
N ARG A 17 0.73 3.54 0.13
CA ARG A 17 1.91 4.42 0.24
C ARG A 17 1.91 5.18 1.58
N ASP A 18 0.79 5.83 1.89
CA ASP A 18 0.65 6.62 3.13
C ASP A 18 0.90 5.79 4.38
N CYS A 19 0.46 4.52 4.39
CA CYS A 19 0.74 3.61 5.50
C CYS A 19 2.25 3.54 5.77
N CYS A 20 3.08 3.36 4.75
CA CYS A 20 4.55 3.41 4.92
C CYS A 20 5.08 4.85 5.03
N GLY A 21 4.32 5.76 5.64
CA GLY A 21 4.78 7.15 5.82
C GLY A 21 4.86 7.87 4.46
N GLY A 22 3.93 7.55 3.57
CA GLY A 22 3.96 8.10 2.20
C GLY A 22 4.58 7.13 1.19
N ASN A 23 5.52 6.28 1.62
CA ASN A 23 6.42 5.58 0.68
C ASN A 23 6.30 4.06 0.76
N GLY A 24 5.16 3.57 0.28
CA GLY A 24 4.88 2.13 0.22
C GLY A 24 4.39 1.70 -1.17
N LYS A 25 4.16 0.39 -1.32
CA LYS A 25 3.68 -0.21 -2.58
C LYS A 25 2.79 -1.41 -2.30
N CYS A 26 1.90 -1.72 -3.24
CA CYS A 26 1.09 -2.94 -3.13
C CYS A 26 1.78 -4.15 -3.76
N PHE A 27 1.78 -5.25 -3.01
CA PHE A 27 2.34 -6.55 -3.45
C PHE A 27 1.21 -7.58 -3.37
N GLY A 28 0.25 -7.49 -4.29
CA GLY A 28 -0.95 -8.35 -4.21
C GLY A 28 -1.83 -7.94 -3.03
N PRO A 29 -2.37 -8.88 -2.25
CA PRO A 29 -3.24 -8.58 -1.11
C PRO A 29 -2.52 -7.93 0.08
N GLN A 30 -1.20 -7.70 -0.01
CA GLN A 30 -0.46 -7.05 1.10
C GLN A 30 0.06 -5.65 0.72
N CYS A 31 0.08 -4.73 1.68
CA CYS A 31 0.79 -3.45 1.52
C CYS A 31 2.17 -3.54 2.20
N LEU A 32 3.23 -3.26 1.45
CA LEU A 32 4.62 -3.24 1.98
C LEU A 32 5.24 -1.86 1.79
N CYS A 33 6.47 -1.67 2.25
CA CYS A 33 7.19 -0.39 2.06
C CYS A 33 8.02 -0.34 0.77
N ASN A 34 8.59 0.83 0.47
CA ASN A 34 9.63 0.96 -0.55
C ASN A 34 11.00 0.68 0.12
N ARG A 35 11.04 -0.43 0.83
CA ARG A 35 12.17 -0.80 1.71
C ARG A 35 11.98 -2.24 2.22
#